data_6T2P
#
_entry.id   6T2P
#
_cell.length_a   82.724
_cell.length_b   82.724
_cell.length_c   121.682
_cell.angle_alpha   90.000
_cell.angle_beta   90.000
_cell.angle_gamma   90.000
#
_symmetry.space_group_name_H-M   'P 41'
#
loop_
_entity.id
_entity.type
_entity.pdbx_description
1 polymer 'Glycosyl hydrolase family 16'
2 non-polymer 1,2-ETHANEDIOL
3 non-polymer 'CALCIUM ION'
4 water water
#
_entity_poly.entity_id   1
_entity_poly.type   'polypeptide(L)'
_entity_poly.pdbx_seq_one_letter_code
;MGSSHHHHHHSSGLVPRGSHMASEEKEQIGSDTLENILFVDDFDAKCIVPDTAIWKLCTYANNAWSQYFRGVDGYENVKV
EEGYLKLRACKDNGTYKNGGVFSKIGFPCGTRLEVKARLTKLVRGGFPAIWQMPIGAPEWPRGGQIDLMEWVQGSPKQIF
QTVHTFYINGENGSAGVTNKEADKNFDVTKDHVYAVQRTEKELIFYVDGKETWKYENQHLDKEKLQYPFCEYPFNIILNF
SLGGELNGMMTWPGEIHDEDLPGEMWVDWVRVVLLDNNKINE
;
_entity_poly.pdbx_strand_id   AAA,BBB
#
loop_
_chem_comp.id
_chem_comp.type
_chem_comp.name
_chem_comp.formula
CA non-polymer 'CALCIUM ION' 'Ca 2'
EDO non-polymer 1,2-ETHANEDIOL 'C2 H6 O2'
#
# COMPACT_ATOMS: atom_id res chain seq x y z
N ASN A 36 20.43 3.48 -18.91
CA ASN A 36 19.35 4.36 -18.38
C ASN A 36 18.88 3.90 -16.99
N ILE A 37 19.53 4.42 -15.93
CA ILE A 37 19.38 3.97 -14.52
C ILE A 37 18.34 4.84 -13.80
N LEU A 38 17.22 4.25 -13.41
CA LEU A 38 16.16 4.91 -12.62
C LEU A 38 16.60 4.94 -11.16
N PHE A 39 17.24 3.88 -10.67
CA PHE A 39 17.66 3.80 -9.26
C PHE A 39 18.86 2.88 -9.17
N VAL A 40 19.81 3.22 -8.32
CA VAL A 40 20.95 2.33 -7.98
C VAL A 40 21.30 2.54 -6.51
N ASP A 41 21.55 1.47 -5.78
CA ASP A 41 22.23 1.56 -4.48
C ASP A 41 23.42 0.60 -4.57
N ASP A 42 24.62 1.15 -4.45
CA ASP A 42 25.90 0.41 -4.41
C ASP A 42 26.29 0.14 -2.96
N PHE A 43 25.51 0.58 -1.97
CA PHE A 43 25.79 0.37 -0.53
C PHE A 43 27.19 0.85 -0.17
N ASP A 44 27.66 1.93 -0.78
CA ASP A 44 29.02 2.48 -0.56
C ASP A 44 28.89 3.89 0.00
N ALA A 45 27.74 4.23 0.57
CA ALA A 45 27.55 5.48 1.35
C ALA A 45 28.45 5.38 2.61
N LYS A 46 28.86 6.54 3.14
CA LYS A 46 29.69 6.68 4.35
C LYS A 46 28.76 6.57 5.56
N CYS A 47 28.23 5.39 5.77
CA CYS A 47 27.15 5.08 6.73
C CYS A 47 27.27 3.59 7.06
N ILE A 48 26.96 3.16 8.28
CA ILE A 48 27.03 1.72 8.70
C ILE A 48 25.67 1.07 8.56
N VAL A 49 24.62 1.81 8.19
CA VAL A 49 23.28 1.23 7.86
C VAL A 49 22.88 1.66 6.46
N PRO A 50 21.99 0.89 5.79
CA PRO A 50 21.47 1.30 4.49
C PRO A 50 20.63 2.57 4.57
N ASP A 51 20.66 3.33 3.49
CA ASP A 51 19.96 4.63 3.31
C ASP A 51 18.60 4.55 4.01
N THR A 52 18.40 5.36 5.05
CA THR A 52 17.22 5.33 5.95
C THR A 52 16.00 5.97 5.30
N ALA A 53 16.14 6.72 4.19
CA ALA A 53 14.98 7.23 3.42
C ALA A 53 14.45 6.13 2.48
N ILE A 54 15.35 5.34 1.88
CA ILE A 54 15.06 4.24 0.91
C ILE A 54 14.71 2.94 1.67
N TRP A 55 15.57 2.47 2.57
CA TRP A 55 15.48 1.11 3.17
C TRP A 55 14.89 1.17 4.58
N LYS A 56 13.92 0.31 4.84
CA LYS A 56 13.24 0.15 6.14
C LYS A 56 13.46 -1.30 6.61
N LEU A 57 13.61 -1.46 7.91
CA LEU A 57 13.86 -2.76 8.55
C LEU A 57 12.58 -3.59 8.48
N CYS A 58 12.70 -4.89 8.16
CA CYS A 58 11.57 -5.83 8.12
C CYS A 58 11.05 -6.02 9.54
N THR A 59 9.74 -6.23 9.65
CA THR A 59 9.02 -6.36 10.94
C THR A 59 8.41 -7.75 11.03
N TYR A 60 8.00 -8.10 12.23
CA TYR A 60 7.42 -9.41 12.58
C TYR A 60 6.09 -9.56 11.87
N ALA A 61 5.84 -10.77 11.42
CA ALA A 61 4.51 -11.28 11.07
C ALA A 61 4.61 -12.79 11.24
N ASN A 62 3.46 -13.41 11.55
CA ASN A 62 3.34 -14.86 11.79
C ASN A 62 3.39 -15.59 10.45
N ASN A 63 4.47 -15.53 9.70
CA ASN A 63 4.65 -16.33 8.46
C ASN A 63 6.11 -16.82 8.37
N ALA A 64 6.42 -17.62 7.36
CA ALA A 64 7.71 -18.35 7.31
C ALA A 64 8.84 -17.30 7.23
N TRP A 65 8.73 -16.30 6.36
CA TRP A 65 9.86 -15.38 6.08
C TRP A 65 9.98 -14.33 7.18
N SER A 66 8.93 -14.10 7.99
CA SER A 66 8.84 -12.90 8.87
C SER A 66 8.85 -13.28 10.33
N GLN A 67 8.69 -14.55 10.69
CA GLN A 67 8.41 -14.86 12.11
C GLN A 67 9.61 -14.42 12.95
N TYR A 68 10.84 -14.47 12.42
CA TYR A 68 12.02 -14.23 13.28
C TYR A 68 12.61 -12.83 13.05
N PHE A 69 11.77 -11.87 12.62
CA PHE A 69 12.04 -10.43 12.82
C PHE A 69 11.57 -9.99 14.21
N ARG A 70 10.87 -10.90 14.92
CA ARG A 70 10.40 -10.61 16.29
C ARG A 70 11.60 -10.42 17.20
N GLY A 71 11.62 -9.31 17.95
CA GLY A 71 12.67 -9.01 18.94
C GLY A 71 13.98 -8.63 18.29
N VAL A 72 14.04 -8.41 16.98
CA VAL A 72 15.30 -7.94 16.35
C VAL A 72 15.44 -6.46 16.66
N ASP A 73 16.47 -6.11 17.40
CA ASP A 73 16.70 -4.75 17.94
C ASP A 73 17.36 -3.89 16.86
N GLY A 74 16.59 -2.98 16.25
CA GLY A 74 17.05 -2.04 15.21
C GLY A 74 17.87 -2.79 14.15
N TYR A 75 19.10 -2.32 13.92
CA TYR A 75 19.98 -2.76 12.81
C TYR A 75 20.93 -3.84 13.31
N GLU A 76 20.60 -4.61 14.35
CA GLU A 76 21.60 -5.60 14.86
C GLU A 76 21.90 -6.69 13.81
N ASN A 77 21.00 -7.01 12.86
CA ASN A 77 21.29 -8.04 11.83
C ASN A 77 21.45 -7.38 10.45
N VAL A 78 21.66 -6.08 10.38
CA VAL A 78 21.73 -5.34 9.09
C VAL A 78 22.82 -4.26 9.17
N LYS A 79 23.80 -4.29 8.28
CA LYS A 79 24.79 -3.19 8.20
C LYS A 79 25.22 -3.02 6.75
N VAL A 80 25.79 -1.87 6.46
CA VAL A 80 26.54 -1.61 5.21
C VAL A 80 28.01 -1.63 5.62
N GLU A 81 28.83 -2.45 4.96
CA GLU A 81 30.27 -2.58 5.25
C GLU A 81 31.01 -3.02 3.98
N GLU A 82 32.08 -2.32 3.61
CA GLU A 82 32.97 -2.73 2.51
C GLU A 82 32.14 -2.86 1.21
N GLY A 83 31.23 -1.91 0.95
CA GLY A 83 30.45 -1.84 -0.29
C GLY A 83 29.36 -2.91 -0.36
N TYR A 84 29.05 -3.59 0.75
CA TYR A 84 27.97 -4.61 0.81
C TYR A 84 26.88 -4.21 1.81
N LEU A 85 25.63 -4.46 1.43
CA LEU A 85 24.54 -4.68 2.42
C LEU A 85 24.69 -6.10 2.95
N LYS A 86 24.92 -6.23 4.26
CA LYS A 86 25.15 -7.53 4.92
C LYS A 86 23.94 -7.81 5.81
N LEU A 87 23.19 -8.86 5.45
CA LEU A 87 21.97 -9.35 6.13
C LEU A 87 22.30 -10.65 6.85
N ARG A 88 22.20 -10.63 8.17
CA ARG A 88 22.66 -11.75 9.02
C ARG A 88 21.45 -12.52 9.55
N ALA A 89 21.56 -13.85 9.51
CA ALA A 89 20.69 -14.79 10.24
C ALA A 89 21.53 -15.46 11.32
N CYS A 90 20.98 -15.52 12.53
CA CYS A 90 21.72 -16.03 13.69
C CYS A 90 20.73 -16.45 14.79
N LYS A 91 21.26 -17.10 15.81
CA LYS A 91 20.52 -17.40 17.06
C LYS A 91 21.24 -16.63 18.15
N ASP A 92 20.53 -15.70 18.76
CA ASP A 92 21.07 -14.84 19.84
C ASP A 92 20.40 -15.32 21.14
N ASN A 93 21.10 -16.14 21.93
CA ASN A 93 20.63 -16.55 23.28
C ASN A 93 19.30 -17.29 23.14
N GLY A 94 19.20 -18.24 22.22
CA GLY A 94 17.98 -19.07 22.07
C GLY A 94 16.92 -18.44 21.17
N THR A 95 17.06 -17.17 20.79
CA THR A 95 16.12 -16.51 19.84
C THR A 95 16.69 -16.51 18.42
N TYR A 96 15.97 -17.08 17.45
CA TYR A 96 16.31 -16.93 16.01
C TYR A 96 16.02 -15.49 15.58
N LYS A 97 16.92 -14.91 14.78
CA LYS A 97 16.85 -13.51 14.29
C LYS A 97 17.25 -13.43 12.82
N ASN A 98 16.37 -12.80 12.04
CA ASN A 98 16.45 -12.55 10.58
C ASN A 98 17.08 -11.18 10.32
N GLY A 99 17.65 -11.04 9.14
CA GLY A 99 18.23 -9.77 8.66
C GLY A 99 17.52 -9.36 7.40
N GLY A 100 16.90 -8.20 7.37
CA GLY A 100 16.15 -7.86 6.16
C GLY A 100 15.72 -6.41 6.12
N VAL A 101 15.66 -5.88 4.91
CA VAL A 101 15.14 -4.51 4.68
C VAL A 101 14.18 -4.58 3.51
N PHE A 102 13.35 -3.56 3.37
CA PHE A 102 12.50 -3.38 2.19
C PHE A 102 12.54 -1.92 1.77
N SER A 103 12.37 -1.68 0.47
CA SER A 103 12.45 -0.30 -0.07
C SER A 103 11.12 0.42 0.21
N LYS A 104 11.18 1.67 0.70
CA LYS A 104 9.98 2.51 0.88
C LYS A 104 9.52 3.01 -0.49
N ILE A 105 10.36 2.99 -1.50
CA ILE A 105 9.95 3.40 -2.87
C ILE A 105 9.67 2.15 -3.71
N GLY A 106 8.77 2.31 -4.68
CA GLY A 106 8.45 1.30 -5.70
C GLY A 106 8.69 1.87 -7.08
N PHE A 107 8.63 1.00 -8.09
CA PHE A 107 9.07 1.28 -9.47
C PHE A 107 7.96 0.92 -10.45
N PRO A 108 7.86 1.63 -11.59
CA PRO A 108 6.82 1.34 -12.58
C PRO A 108 7.23 0.16 -13.47
N CYS A 109 6.30 -0.26 -14.34
CA CYS A 109 6.49 -1.16 -15.51
C CYS A 109 7.47 -0.46 -16.45
N GLY A 110 8.03 -1.23 -17.39
CA GLY A 110 9.02 -0.76 -18.35
C GLY A 110 10.36 -0.67 -17.69
N THR A 111 10.63 -1.56 -16.73
CA THR A 111 11.88 -1.52 -15.93
C THR A 111 12.43 -2.92 -15.72
N ARG A 112 13.72 -3.00 -15.39
CA ARG A 112 14.37 -4.28 -15.00
C ARG A 112 15.11 -4.06 -13.67
N LEU A 113 14.86 -4.94 -12.70
CA LEU A 113 15.54 -4.95 -11.39
C LEU A 113 16.67 -5.96 -11.48
N GLU A 114 17.89 -5.54 -11.12
CA GLU A 114 19.08 -6.42 -11.05
C GLU A 114 19.62 -6.29 -9.64
N VAL A 115 19.89 -7.43 -9.00
CA VAL A 115 20.45 -7.52 -7.63
C VAL A 115 21.61 -8.49 -7.67
N LYS A 116 22.80 -7.99 -7.33
CA LYS A 116 24.00 -8.82 -7.17
C LYS A 116 24.17 -9.20 -5.70
N ALA A 117 24.25 -10.49 -5.43
CA ALA A 117 24.29 -11.03 -4.07
C ALA A 117 24.98 -12.38 -4.08
N ARG A 118 25.46 -12.75 -2.90
CA ARG A 118 25.86 -14.12 -2.55
C ARG A 118 25.45 -14.40 -1.12
N LEU A 119 25.37 -15.68 -0.78
CA LEU A 119 25.39 -16.13 0.62
C LEU A 119 26.84 -16.41 1.01
N THR A 120 27.22 -16.08 2.22
CA THR A 120 28.57 -16.37 2.74
C THR A 120 28.73 -17.88 2.86
N LYS A 121 27.64 -18.64 3.01
CA LYS A 121 27.59 -19.96 3.65
C LYS A 121 26.24 -20.59 3.33
N LEU A 122 26.17 -21.91 3.09
CA LEU A 122 24.87 -22.65 3.03
C LEU A 122 24.40 -22.86 4.47
N VAL A 123 23.17 -22.49 4.80
CA VAL A 123 22.61 -22.68 6.16
C VAL A 123 21.32 -23.50 6.01
N ARG A 124 21.30 -24.68 6.65
CA ARG A 124 20.13 -25.59 6.65
C ARG A 124 19.08 -24.94 7.54
N GLY A 125 17.94 -24.60 6.97
CA GLY A 125 16.90 -23.77 7.62
C GLY A 125 16.98 -22.33 7.15
N GLY A 126 18.13 -21.94 6.60
CA GLY A 126 18.31 -20.70 5.86
C GLY A 126 17.20 -20.45 4.84
N PHE A 127 16.76 -19.21 4.71
CA PHE A 127 15.69 -18.83 3.77
C PHE A 127 15.93 -17.42 3.27
N PRO A 128 16.96 -17.21 2.45
CA PRO A 128 17.24 -15.89 1.91
C PRO A 128 16.34 -15.62 0.71
N ALA A 129 16.12 -14.34 0.44
CA ALA A 129 15.22 -13.97 -0.67
C ALA A 129 15.53 -12.57 -1.16
N ILE A 130 15.32 -12.45 -2.45
CA ILE A 130 15.33 -11.17 -3.19
C ILE A 130 14.01 -11.12 -3.94
N TRP A 131 13.17 -10.15 -3.64
CA TRP A 131 11.79 -10.21 -4.14
C TRP A 131 11.15 -8.83 -4.11
N GLN A 132 9.93 -8.76 -4.60
CA GLN A 132 9.22 -7.50 -4.87
C GLN A 132 7.77 -7.67 -4.47
N MET A 133 7.24 -6.66 -3.77
CA MET A 133 5.80 -6.56 -3.39
C MET A 133 5.26 -5.30 -4.05
N PRO A 134 3.97 -5.32 -4.44
CA PRO A 134 3.31 -4.11 -4.87
C PRO A 134 3.16 -3.17 -3.67
N ILE A 135 3.25 -1.87 -3.92
CA ILE A 135 2.95 -0.82 -2.91
C ILE A 135 1.53 -0.33 -3.15
N GLY A 136 0.67 -0.38 -2.15
CA GLY A 136 -0.70 0.15 -2.19
C GLY A 136 -1.63 -0.72 -3.00
N ALA A 137 -1.43 -2.04 -3.01
CA ALA A 137 -2.34 -2.99 -3.67
C ALA A 137 -3.37 -3.48 -2.67
N PRO A 138 -4.40 -4.24 -3.09
CA PRO A 138 -5.30 -4.86 -2.11
C PRO A 138 -4.57 -5.97 -1.36
N GLU A 139 -5.31 -6.68 -0.52
CA GLU A 139 -4.78 -7.76 0.34
C GLU A 139 -4.08 -8.83 -0.49
N TRP A 140 -2.92 -9.28 -0.01
CA TRP A 140 -2.10 -10.36 -0.61
C TRP A 140 -2.97 -11.58 -0.88
N PRO A 141 -2.87 -12.24 -2.05
CA PRO A 141 -1.97 -11.88 -3.16
C PRO A 141 -2.57 -11.12 -4.37
N ARG A 142 -3.58 -10.28 -4.14
CA ARG A 142 -4.37 -9.64 -5.22
C ARG A 142 -3.49 -8.70 -6.06
N GLY A 143 -2.41 -8.15 -5.50
CA GLY A 143 -1.52 -7.23 -6.22
C GLY A 143 -0.31 -7.92 -6.82
N GLY A 144 -0.19 -9.22 -6.55
CA GLY A 144 0.93 -10.03 -7.00
C GLY A 144 2.11 -9.96 -6.06
N GLN A 145 3.15 -10.70 -6.45
CA GLN A 145 4.44 -10.84 -5.75
C GLN A 145 5.41 -11.45 -6.74
N ILE A 146 6.65 -10.97 -6.75
CA ILE A 146 7.70 -11.48 -7.67
C ILE A 146 8.90 -11.89 -6.83
N ASP A 147 9.35 -13.15 -6.95
CA ASP A 147 10.59 -13.63 -6.28
C ASP A 147 11.69 -13.83 -7.33
N LEU A 148 12.74 -12.99 -7.26
CA LEU A 148 13.94 -13.06 -8.12
C LEU A 148 14.84 -14.20 -7.65
N MET A 149 14.80 -14.50 -6.35
CA MET A 149 15.67 -15.51 -5.73
C MET A 149 15.07 -15.90 -4.39
N GLU A 150 14.87 -17.20 -4.19
CA GLU A 150 14.72 -17.84 -2.87
C GLU A 150 15.58 -19.10 -2.92
N TRP A 151 16.15 -19.44 -1.77
CA TRP A 151 16.97 -20.66 -1.58
C TRP A 151 16.39 -21.48 -0.41
N VAL A 152 16.36 -22.81 -0.54
CA VAL A 152 15.97 -23.76 0.55
C VAL A 152 16.92 -24.96 0.50
N GLN A 153 17.14 -25.58 1.65
CA GLN A 153 18.08 -26.72 1.82
C GLN A 153 17.56 -27.90 1.00
N GLY A 154 16.23 -28.01 0.82
CA GLY A 154 15.57 -29.16 0.15
C GLY A 154 16.04 -29.31 -1.28
N SER A 155 16.61 -28.26 -1.88
CA SER A 155 17.18 -28.25 -3.26
C SER A 155 18.38 -27.32 -3.27
N PRO A 156 19.51 -27.72 -2.65
CA PRO A 156 20.52 -26.78 -2.19
C PRO A 156 21.40 -26.27 -3.34
N LYS A 157 21.27 -26.87 -4.53
CA LYS A 157 22.08 -26.51 -5.72
C LYS A 157 21.21 -25.80 -6.78
N GLN A 158 20.10 -25.21 -6.35
CA GLN A 158 19.33 -24.29 -7.22
C GLN A 158 18.91 -23.07 -6.42
N ILE A 159 18.38 -22.09 -7.11
CA ILE A 159 17.46 -21.10 -6.49
C ILE A 159 16.11 -21.19 -7.21
N PHE A 160 15.10 -20.56 -6.63
CA PHE A 160 13.72 -20.55 -7.15
C PHE A 160 13.40 -19.12 -7.55
N GLN A 161 12.68 -19.01 -8.65
CA GLN A 161 12.16 -17.74 -9.18
C GLN A 161 10.69 -18.00 -9.36
N THR A 162 9.86 -17.15 -8.76
CA THR A 162 8.45 -17.45 -8.51
C THR A 162 7.58 -16.22 -8.73
N VAL A 163 6.35 -16.47 -9.12
CA VAL A 163 5.29 -15.44 -9.25
C VAL A 163 4.10 -15.88 -8.41
N HIS A 164 3.44 -14.92 -7.73
CA HIS A 164 2.18 -15.13 -6.98
C HIS A 164 1.15 -14.11 -7.46
N THR A 165 -0.08 -14.58 -7.67
CA THR A 165 -1.27 -13.75 -8.03
C THR A 165 -2.49 -14.37 -7.34
N PHE A 166 -3.62 -13.66 -7.30
CA PHE A 166 -4.90 -14.26 -6.88
C PHE A 166 -5.33 -15.32 -7.91
N TYR A 167 -5.07 -15.11 -9.21
CA TYR A 167 -5.47 -16.09 -10.28
C TYR A 167 -4.75 -17.43 -10.03
N ILE A 168 -3.47 -17.43 -9.67
CA ILE A 168 -2.68 -18.65 -9.35
C ILE A 168 -3.05 -19.17 -7.95
N ASN A 169 -2.94 -18.34 -6.91
CA ASN A 169 -2.93 -18.80 -5.50
C ASN A 169 -4.36 -18.87 -4.93
N GLY A 170 -5.30 -18.08 -5.46
CA GLY A 170 -6.64 -17.87 -4.86
C GLY A 170 -6.54 -17.34 -3.43
N GLU A 171 -7.52 -17.66 -2.60
CA GLU A 171 -7.70 -17.13 -1.22
C GLU A 171 -6.53 -17.52 -0.32
N ASN A 172 -6.12 -18.79 -0.41
CA ASN A 172 -5.31 -19.52 0.62
C ASN A 172 -4.01 -20.08 0.06
N GLY A 173 -3.89 -20.32 -1.25
CA GLY A 173 -2.68 -20.91 -1.86
C GLY A 173 -1.45 -20.06 -1.58
N SER A 174 -0.27 -20.67 -1.53
CA SER A 174 1.01 -19.96 -1.27
C SER A 174 2.17 -20.47 -2.14
N ALA A 175 1.97 -21.44 -3.02
CA ALA A 175 3.02 -22.05 -3.88
C ALA A 175 3.36 -21.08 -5.02
N GLY A 176 2.35 -20.39 -5.55
CA GLY A 176 2.56 -19.59 -6.76
C GLY A 176 2.95 -20.48 -7.94
N VAL A 177 3.54 -19.89 -8.97
CA VAL A 177 4.12 -20.59 -10.16
C VAL A 177 5.60 -20.30 -10.16
N THR A 178 6.42 -21.35 -10.20
CA THR A 178 7.88 -21.31 -10.05
C THR A 178 8.54 -21.88 -11.32
N ASN A 179 9.78 -21.54 -11.57
CA ASN A 179 10.51 -22.05 -12.76
C ASN A 179 10.94 -23.50 -12.46
N LYS A 180 10.23 -24.49 -12.99
CA LYS A 180 10.49 -25.93 -12.75
C LYS A 180 11.75 -26.39 -13.49
N GLU A 181 12.19 -25.67 -14.53
CA GLU A 181 13.46 -25.96 -15.26
C GLU A 181 14.59 -25.07 -14.75
N ALA A 182 14.55 -24.71 -13.47
CA ALA A 182 15.59 -23.86 -12.83
C ALA A 182 16.93 -24.63 -12.91
N ASP A 183 18.04 -23.90 -13.10
CA ASP A 183 19.42 -24.45 -13.04
C ASP A 183 19.57 -25.25 -11.74
N LYS A 184 19.86 -26.55 -11.83
CA LYS A 184 20.00 -27.47 -10.66
C LYS A 184 21.49 -27.75 -10.39
N ASN A 185 22.40 -26.98 -10.99
CA ASN A 185 23.87 -27.09 -10.74
C ASN A 185 24.47 -25.70 -10.49
N PHE A 186 24.00 -25.05 -9.42
CA PHE A 186 24.16 -23.61 -9.14
C PHE A 186 24.68 -23.42 -7.71
N ASP A 187 25.68 -22.56 -7.56
CA ASP A 187 26.34 -22.26 -6.26
C ASP A 187 25.96 -20.85 -5.81
N VAL A 188 24.98 -20.78 -4.92
CA VAL A 188 24.43 -19.51 -4.37
C VAL A 188 25.48 -18.79 -3.48
N THR A 189 26.60 -19.44 -3.11
CA THR A 189 27.65 -18.81 -2.25
C THR A 189 28.66 -18.03 -3.09
N LYS A 190 28.51 -18.00 -4.43
CA LYS A 190 29.22 -17.07 -5.33
C LYS A 190 28.28 -15.92 -5.69
N ASP A 191 28.86 -14.78 -6.10
CA ASP A 191 28.15 -13.60 -6.64
C ASP A 191 27.31 -14.04 -7.85
N HIS A 192 26.06 -13.60 -7.92
CA HIS A 192 25.20 -13.78 -9.11
C HIS A 192 24.33 -12.54 -9.22
N VAL A 193 23.93 -12.20 -10.44
CA VAL A 193 22.98 -11.08 -10.69
C VAL A 193 21.62 -11.71 -10.95
N TYR A 194 20.69 -11.48 -10.04
CA TYR A 194 19.28 -11.92 -10.13
C TYR A 194 18.50 -10.73 -10.70
N ALA A 195 17.64 -11.00 -11.68
CA ALA A 195 16.95 -9.92 -12.40
C ALA A 195 15.54 -10.34 -12.81
N VAL A 196 14.66 -9.35 -12.87
CA VAL A 196 13.33 -9.51 -13.48
C VAL A 196 13.04 -8.23 -14.27
N GLN A 197 12.65 -8.40 -15.53
CA GLN A 197 12.20 -7.33 -16.43
C GLN A 197 10.67 -7.37 -16.43
N ARG A 198 10.03 -6.25 -16.08
CA ARG A 198 8.58 -6.16 -15.87
C ARG A 198 7.99 -5.17 -16.88
N THR A 199 7.18 -5.67 -17.81
CA THR A 199 6.44 -4.88 -18.84
C THR A 199 4.96 -5.26 -18.76
N GLU A 200 4.12 -4.54 -19.48
CA GLU A 200 2.66 -4.81 -19.55
C GLU A 200 2.42 -6.22 -20.08
N LYS A 201 3.35 -6.73 -20.87
CA LYS A 201 3.20 -7.99 -21.63
C LYS A 201 3.67 -9.20 -20.80
N GLU A 202 4.70 -9.04 -19.97
CA GLU A 202 5.34 -10.20 -19.30
C GLU A 202 6.37 -9.78 -18.25
N LEU A 203 6.70 -10.72 -17.38
CA LEU A 203 7.89 -10.71 -16.52
C LEU A 203 8.93 -11.63 -17.17
N ILE A 204 10.11 -11.10 -17.46
CA ILE A 204 11.27 -11.94 -17.89
C ILE A 204 12.24 -12.03 -16.72
N PHE A 205 12.55 -13.27 -16.32
CA PHE A 205 13.54 -13.63 -15.29
C PHE A 205 14.91 -13.91 -15.92
N TYR A 206 15.94 -13.42 -15.24
CA TYR A 206 17.34 -13.71 -15.61
C TYR A 206 18.14 -14.09 -14.37
N VAL A 207 19.17 -14.89 -14.61
CA VAL A 207 20.31 -15.11 -13.70
C VAL A 207 21.60 -14.92 -14.50
N ASP A 208 22.48 -14.04 -14.03
CA ASP A 208 23.78 -13.73 -14.66
C ASP A 208 23.52 -13.32 -16.10
N GLY A 209 22.54 -12.44 -16.31
CA GLY A 209 22.26 -11.88 -17.64
C GLY A 209 21.65 -12.89 -18.61
N LYS A 210 21.34 -14.11 -18.16
CA LYS A 210 20.82 -15.22 -19.01
C LYS A 210 19.36 -15.47 -18.66
N GLU A 211 18.49 -15.34 -19.66
CA GLU A 211 17.03 -15.49 -19.46
C GLU A 211 16.77 -16.89 -18.88
N THR A 212 15.97 -17.02 -17.82
CA THR A 212 15.63 -18.34 -17.22
C THR A 212 14.19 -18.71 -17.56
N TRP A 213 13.22 -17.81 -17.38
CA TRP A 213 11.81 -18.07 -17.78
C TRP A 213 11.03 -16.77 -17.84
N LYS A 214 9.79 -16.86 -18.31
CA LYS A 214 8.85 -15.76 -18.56
C LYS A 214 7.51 -16.11 -17.90
N TYR A 215 6.90 -15.17 -17.19
CA TYR A 215 5.49 -15.26 -16.76
C TYR A 215 4.72 -14.19 -17.55
N GLU A 216 3.76 -14.64 -18.37
CA GLU A 216 3.17 -13.81 -19.44
C GLU A 216 1.76 -13.34 -19.08
N ASN A 217 1.43 -12.14 -19.53
CA ASN A 217 0.06 -11.57 -19.43
C ASN A 217 -0.83 -12.37 -20.38
N GLN A 218 -1.92 -12.93 -19.86
CA GLN A 218 -2.90 -13.73 -20.62
C GLN A 218 -4.02 -12.82 -21.15
N HIS A 219 -4.06 -11.56 -20.74
CA HIS A 219 -5.03 -10.54 -21.18
C HIS A 219 -6.46 -11.03 -20.96
N LEU A 220 -6.71 -11.67 -19.83
CA LEU A 220 -8.06 -12.00 -19.35
C LEU A 220 -8.70 -10.68 -18.84
N ASP A 221 -10.03 -10.65 -18.67
CA ASP A 221 -10.71 -9.56 -17.92
C ASP A 221 -9.89 -9.28 -16.66
N LYS A 222 -9.71 -7.99 -16.34
CA LYS A 222 -8.95 -7.50 -15.16
C LYS A 222 -9.55 -8.13 -13.89
N GLU A 223 -10.87 -8.33 -13.89
CA GLU A 223 -11.65 -9.05 -12.86
C GLU A 223 -10.97 -10.37 -12.42
N LYS A 224 -10.21 -11.05 -13.29
CA LYS A 224 -9.58 -12.36 -12.97
C LYS A 224 -8.25 -12.19 -12.22
N LEU A 225 -7.67 -10.98 -12.19
CA LEU A 225 -6.43 -10.66 -11.44
C LEU A 225 -5.24 -11.56 -11.86
N GLN A 226 -5.11 -11.87 -13.16
CA GLN A 226 -4.08 -12.82 -13.71
C GLN A 226 -2.71 -12.13 -13.94
N TYR A 227 -2.74 -10.78 -14.15
CA TYR A 227 -1.53 -9.93 -14.37
C TYR A 227 -1.70 -8.57 -13.72
N PRO A 228 -1.55 -8.48 -12.38
CA PRO A 228 -1.56 -7.20 -11.66
C PRO A 228 -0.24 -6.39 -11.67
N PHE A 229 0.81 -6.88 -12.31
CA PHE A 229 2.21 -6.43 -12.11
C PHE A 229 2.44 -5.00 -12.59
N CYS A 230 1.54 -4.40 -13.39
CA CYS A 230 1.72 -2.99 -13.85
C CYS A 230 0.66 -2.07 -13.26
N GLU A 231 -0.15 -2.52 -12.32
CA GLU A 231 -1.17 -1.64 -11.72
C GLU A 231 -0.63 -0.95 -10.46
N TYR A 232 0.49 -1.43 -9.94
CA TYR A 232 1.11 -0.94 -8.69
C TYR A 232 2.60 -0.78 -8.92
N PRO A 233 3.24 0.21 -8.30
CA PRO A 233 4.69 0.22 -8.16
C PRO A 233 5.09 -1.02 -7.34
N PHE A 234 6.23 -1.62 -7.66
CA PHE A 234 6.83 -2.77 -6.94
C PHE A 234 8.11 -2.32 -6.25
N ASN A 235 8.27 -2.70 -4.99
CA ASN A 235 9.44 -2.37 -4.14
C ASN A 235 10.49 -3.48 -4.28
N ILE A 236 11.51 -3.45 -3.45
CA ILE A 236 12.65 -4.39 -3.40
C ILE A 236 12.73 -4.86 -1.94
N ILE A 237 12.76 -6.15 -1.76
CA ILE A 237 12.86 -6.78 -0.41
C ILE A 237 14.08 -7.70 -0.46
N LEU A 238 14.96 -7.55 0.53
CA LEU A 238 16.25 -8.25 0.64
C LEU A 238 16.25 -8.83 2.03
N ASN A 239 16.26 -10.15 2.15
CA ASN A 239 16.24 -10.69 3.52
C ASN A 239 16.99 -12.02 3.57
N PHE A 240 17.55 -12.31 4.72
CA PHE A 240 18.01 -13.67 5.06
C PHE A 240 17.23 -14.12 6.30
N SER A 241 16.23 -14.99 6.11
CA SER A 241 15.30 -15.45 7.16
C SER A 241 15.59 -16.89 7.55
N LEU A 242 15.00 -17.33 8.66
CA LEU A 242 15.18 -18.71 9.19
C LEU A 242 13.84 -19.42 9.21
N GLY A 243 13.86 -20.72 8.87
CA GLY A 243 12.67 -21.54 8.63
C GLY A 243 12.25 -22.30 9.88
N GLY A 244 12.39 -23.63 9.89
CA GLY A 244 11.88 -24.50 10.96
C GLY A 244 10.36 -24.54 10.95
N GLU A 245 9.74 -24.85 12.08
CA GLU A 245 8.26 -24.97 12.19
C GLU A 245 7.59 -23.61 12.34
N LEU A 246 6.46 -23.41 11.67
CA LEU A 246 5.56 -22.25 11.88
C LEU A 246 4.24 -22.80 12.42
N ASN A 247 3.90 -22.45 13.66
CA ASN A 247 2.68 -22.91 14.36
C ASN A 247 2.65 -24.44 14.24
N GLY A 248 3.76 -25.08 14.64
CA GLY A 248 3.94 -26.54 14.70
C GLY A 248 3.99 -27.19 13.33
N MET A 249 4.18 -26.44 12.24
CA MET A 249 4.18 -26.98 10.86
C MET A 249 5.45 -26.56 10.12
N MET A 250 6.19 -27.54 9.60
CA MET A 250 7.46 -27.33 8.88
C MET A 250 7.26 -26.39 7.68
N THR A 251 7.99 -25.28 7.68
CA THR A 251 8.02 -24.31 6.55
C THR A 251 8.78 -24.95 5.39
N TRP A 252 8.64 -24.37 4.21
CA TRP A 252 9.34 -24.79 2.98
C TRP A 252 10.86 -24.90 3.22
N PRO A 253 11.55 -23.89 3.76
CA PRO A 253 12.99 -24.00 4.01
C PRO A 253 13.41 -25.11 4.97
N GLY A 254 12.46 -25.65 5.73
CA GLY A 254 12.66 -26.86 6.56
C GLY A 254 13.45 -26.58 7.83
N GLU A 255 14.03 -27.62 8.43
CA GLU A 255 14.61 -27.63 9.79
C GLU A 255 15.85 -26.72 9.83
N ILE A 256 15.94 -25.97 10.93
CA ILE A 256 17.13 -25.14 11.26
C ILE A 256 18.16 -26.04 11.95
N HIS A 257 19.38 -26.08 11.41
CA HIS A 257 20.58 -26.70 12.04
C HIS A 257 21.40 -25.58 12.68
N ASP A 258 21.29 -25.39 13.99
CA ASP A 258 21.97 -24.28 14.72
C ASP A 258 23.48 -24.29 14.49
N GLU A 259 24.10 -25.44 14.23
CA GLU A 259 25.58 -25.54 14.06
C GLU A 259 25.98 -24.80 12.76
N ASP A 260 25.06 -24.56 11.83
CA ASP A 260 25.35 -23.85 10.56
C ASP A 260 25.36 -22.32 10.78
N LEU A 261 24.76 -21.81 11.84
CA LEU A 261 24.61 -20.34 12.06
C LEU A 261 25.93 -19.79 12.60
N PRO A 262 26.21 -18.47 12.48
CA PRO A 262 25.40 -17.54 11.72
C PRO A 262 25.65 -17.65 10.20
N GLY A 263 24.78 -17.04 9.40
CA GLY A 263 25.00 -16.87 7.96
C GLY A 263 24.59 -15.49 7.52
N GLU A 264 25.09 -15.02 6.38
CA GLU A 264 24.77 -13.68 5.86
C GLU A 264 24.48 -13.76 4.36
N MET A 265 23.63 -12.86 3.89
CA MET A 265 23.55 -12.55 2.45
C MET A 265 24.24 -11.20 2.23
N TRP A 266 25.18 -11.16 1.30
CA TRP A 266 25.95 -9.94 0.97
C TRP A 266 25.41 -9.43 -0.35
N VAL A 267 24.78 -8.26 -0.33
CA VAL A 267 24.26 -7.60 -1.56
C VAL A 267 25.21 -6.48 -1.94
N ASP A 268 25.87 -6.64 -3.08
CA ASP A 268 26.82 -5.65 -3.63
C ASP A 268 25.99 -4.48 -4.19
N TRP A 269 24.90 -4.72 -4.89
CA TRP A 269 24.14 -3.57 -5.43
C TRP A 269 22.74 -4.00 -5.86
N VAL A 270 21.86 -3.02 -5.96
CA VAL A 270 20.53 -3.16 -6.59
C VAL A 270 20.47 -2.02 -7.62
N ARG A 271 19.93 -2.30 -8.80
CA ARG A 271 19.62 -1.20 -9.74
C ARG A 271 18.33 -1.51 -10.49
N VAL A 272 17.60 -0.44 -10.80
CA VAL A 272 16.38 -0.49 -11.64
C VAL A 272 16.74 0.27 -12.91
N VAL A 273 16.70 -0.47 -14.02
CA VAL A 273 16.96 0.08 -15.38
C VAL A 273 15.61 0.46 -15.98
N LEU A 274 15.51 1.64 -16.57
CA LEU A 274 14.37 2.04 -17.44
C LEU A 274 14.66 1.52 -18.86
N LEU A 275 13.76 0.71 -19.41
CA LEU A 275 13.82 0.17 -20.79
C LEU A 275 13.58 1.31 -21.81
N ASP A 276 14.09 1.20 -23.04
CA ASP A 276 14.05 2.30 -24.05
C ASP A 276 12.63 2.58 -24.55
N GLU B 35 -20.59 -8.08 -6.31
CA GLU B 35 -20.45 -9.53 -6.68
C GLU B 35 -19.01 -9.97 -6.42
N ASN B 36 -18.06 -9.53 -7.25
CA ASN B 36 -16.61 -9.82 -7.05
C ASN B 36 -16.02 -8.81 -6.04
N ILE B 37 -15.91 -9.20 -4.77
CA ILE B 37 -15.46 -8.36 -3.63
C ILE B 37 -13.92 -8.31 -3.56
N LEU B 38 -13.32 -7.15 -3.84
CA LEU B 38 -11.85 -6.97 -3.77
C LEU B 38 -11.44 -6.65 -2.34
N PHE B 39 -12.27 -5.92 -1.62
CA PHE B 39 -12.09 -5.62 -0.17
C PHE B 39 -13.45 -5.35 0.46
N VAL B 40 -13.63 -5.76 1.72
CA VAL B 40 -14.80 -5.30 2.52
C VAL B 40 -14.36 -5.12 3.97
N ASP B 41 -14.77 -4.05 4.65
CA ASP B 41 -14.71 -3.94 6.12
C ASP B 41 -16.10 -3.61 6.64
N ASP B 42 -16.71 -4.56 7.37
CA ASP B 42 -17.99 -4.37 8.09
C ASP B 42 -17.77 -3.78 9.48
N PHE B 43 -16.55 -3.48 9.91
CA PHE B 43 -16.21 -2.90 11.24
C PHE B 43 -16.91 -3.69 12.35
N ASP B 44 -16.90 -5.02 12.27
CA ASP B 44 -17.60 -5.92 13.22
C ASP B 44 -16.60 -6.95 13.77
N ALA B 45 -15.31 -6.70 13.62
CA ALA B 45 -14.22 -7.48 14.25
C ALA B 45 -14.28 -7.23 15.76
N LYS B 46 -13.75 -8.17 16.53
CA LYS B 46 -13.78 -8.16 18.01
C LYS B 46 -12.59 -7.33 18.49
N CYS B 47 -12.64 -6.01 18.26
CA CYS B 47 -11.52 -5.06 18.48
C CYS B 47 -12.14 -3.69 18.77
N ILE B 48 -11.45 -2.81 19.48
CA ILE B 48 -12.00 -1.46 19.76
C ILE B 48 -11.39 -0.44 18.79
N VAL B 49 -10.45 -0.86 17.94
CA VAL B 49 -9.85 0.03 16.91
C VAL B 49 -10.03 -0.61 15.55
N PRO B 50 -10.03 0.18 14.47
CA PRO B 50 -10.08 -0.39 13.13
C PRO B 50 -8.84 -1.25 12.86
N ASP B 51 -9.06 -2.25 12.01
CA ASP B 51 -8.03 -3.24 11.61
C ASP B 51 -6.70 -2.51 11.42
N THR B 52 -5.68 -2.87 12.19
CA THR B 52 -4.35 -2.20 12.19
C THR B 52 -3.51 -2.56 10.96
N ALA B 53 -3.81 -3.62 10.20
CA ALA B 53 -3.09 -3.91 8.95
C ALA B 53 -3.65 -3.02 7.83
N ILE B 54 -4.93 -2.66 7.88
CA ILE B 54 -5.62 -1.95 6.77
C ILE B 54 -5.65 -0.44 7.00
N TRP B 55 -5.98 -0.03 8.22
CA TRP B 55 -6.33 1.37 8.57
C TRP B 55 -5.21 1.97 9.43
N LYS B 56 -4.75 3.15 9.00
CA LYS B 56 -3.69 3.92 9.68
C LYS B 56 -4.28 5.27 10.11
N LEU B 57 -3.89 5.75 11.30
CA LEU B 57 -4.36 7.04 11.86
C LEU B 57 -3.85 8.20 11.00
N CYS B 58 -4.73 9.16 10.67
CA CYS B 58 -4.36 10.39 9.93
C CYS B 58 -3.37 11.21 10.75
N THR B 59 -2.50 11.94 10.08
CA THR B 59 -1.39 12.72 10.68
C THR B 59 -1.54 14.19 10.28
N TYR B 60 -0.87 15.05 11.04
CA TYR B 60 -0.89 16.51 10.89
C TYR B 60 -0.33 16.84 9.52
N ALA B 61 -0.96 17.77 8.82
CA ALA B 61 -0.39 18.45 7.64
C ALA B 61 -1.01 19.83 7.62
N ASN B 62 -0.35 20.75 6.94
CA ASN B 62 -0.61 22.22 7.01
C ASN B 62 -1.70 22.54 5.99
N ASN B 63 -2.90 22.00 6.19
CA ASN B 63 -4.06 22.16 5.27
C ASN B 63 -5.35 22.01 6.08
N ALA B 64 -6.49 22.31 5.45
CA ALA B 64 -7.78 22.48 6.14
C ALA B 64 -8.14 21.17 6.84
N TRP B 65 -8.07 20.05 6.11
CA TRP B 65 -8.58 18.73 6.56
C TRP B 65 -7.65 18.10 7.62
N SER B 66 -6.37 18.48 7.64
CA SER B 66 -5.28 17.82 8.43
C SER B 66 -4.80 18.64 9.62
N GLN B 67 -5.03 19.96 9.67
CA GLN B 67 -4.32 20.78 10.68
C GLN B 67 -4.62 20.24 12.09
N TYR B 68 -5.82 19.70 12.36
CA TYR B 68 -6.22 19.29 13.73
C TYR B 68 -6.05 17.79 13.96
N PHE B 69 -5.15 17.14 13.22
CA PHE B 69 -4.56 15.84 13.62
C PHE B 69 -3.35 16.09 14.50
N ARG B 70 -2.88 17.33 14.60
CA ARG B 70 -1.76 17.67 15.50
C ARG B 70 -2.12 17.30 16.95
N GLY B 71 -1.25 16.55 17.62
CA GLY B 71 -1.43 16.14 19.03
C GLY B 71 -2.72 15.35 19.26
N VAL B 72 -3.27 14.67 18.24
CA VAL B 72 -4.25 13.56 18.47
C VAL B 72 -3.45 12.35 18.96
N ASP B 73 -3.73 11.93 20.18
CA ASP B 73 -3.04 10.82 20.89
C ASP B 73 -3.61 9.46 20.43
N GLY B 74 -2.87 8.74 19.61
CA GLY B 74 -3.32 7.51 18.93
C GLY B 74 -4.80 7.58 18.58
N TYR B 75 -5.58 6.70 19.21
CA TYR B 75 -6.96 6.34 18.83
C TYR B 75 -8.00 7.11 19.64
N GLU B 76 -7.66 8.21 20.31
CA GLU B 76 -8.63 8.88 21.21
C GLU B 76 -9.88 9.36 20.41
N ASN B 77 -9.78 9.60 19.11
CA ASN B 77 -10.90 10.12 18.29
C ASN B 77 -11.41 9.03 17.33
N VAL B 78 -10.95 7.79 17.48
CA VAL B 78 -11.22 6.69 16.51
C VAL B 78 -11.47 5.39 17.26
N LYS B 79 -12.67 4.81 17.12
CA LYS B 79 -12.99 3.47 17.68
C LYS B 79 -13.86 2.68 16.72
N VAL B 80 -13.88 1.37 16.92
CA VAL B 80 -14.90 0.45 16.35
C VAL B 80 -15.81 0.03 17.50
N GLU B 81 -17.13 0.16 17.31
CA GLU B 81 -18.15 -0.12 18.34
C GLU B 81 -19.49 -0.36 17.65
N GLU B 82 -20.15 -1.47 17.99
CA GLU B 82 -21.54 -1.84 17.61
C GLU B 82 -21.67 -1.86 16.09
N GLY B 83 -20.64 -2.34 15.40
CA GLY B 83 -20.61 -2.47 13.92
C GLY B 83 -20.35 -1.15 13.22
N TYR B 84 -19.85 -0.11 13.90
CA TYR B 84 -19.45 1.16 13.24
C TYR B 84 -17.98 1.51 13.52
N LEU B 85 -17.31 2.06 12.49
CA LEU B 85 -16.17 2.97 12.69
C LEU B 85 -16.74 4.34 13.09
N LYS B 86 -16.36 4.84 14.27
CA LYS B 86 -16.86 6.08 14.90
C LYS B 86 -15.69 7.05 14.93
N LEU B 87 -15.77 8.09 14.10
CA LEU B 87 -14.75 9.14 13.91
C LEU B 87 -15.28 10.39 14.58
N ARG B 88 -14.54 10.86 15.57
CA ARG B 88 -14.95 11.97 16.47
C ARG B 88 -14.13 13.22 16.17
N ALA B 89 -14.80 14.35 16.05
CA ALA B 89 -14.18 15.69 16.10
C ALA B 89 -14.67 16.37 17.39
N CYS B 90 -13.75 16.98 18.12
CA CYS B 90 -14.05 17.56 19.47
C CYS B 90 -13.03 18.65 19.77
N LYS B 91 -13.25 19.37 20.87
CA LYS B 91 -12.24 20.31 21.40
C LYS B 91 -11.84 19.78 22.77
N ASP B 92 -10.54 19.59 22.98
CA ASP B 92 -9.99 18.98 24.22
C ASP B 92 -9.07 20.02 24.86
N ASN B 93 -9.52 20.61 25.97
CA ASN B 93 -8.75 21.60 26.77
C ASN B 93 -8.12 22.64 25.83
N GLY B 94 -8.95 23.29 25.01
CA GLY B 94 -8.53 24.38 24.11
C GLY B 94 -8.00 23.90 22.77
N THR B 95 -7.84 22.59 22.52
CA THR B 95 -7.26 22.06 21.25
C THR B 95 -8.31 21.32 20.41
N TYR B 96 -8.55 21.80 19.20
CA TYR B 96 -9.38 21.10 18.19
C TYR B 96 -8.68 19.79 17.82
N LYS B 97 -9.44 18.70 17.79
CA LYS B 97 -8.93 17.36 17.37
C LYS B 97 -9.89 16.72 16.38
N ASN B 98 -9.32 16.30 15.24
CA ASN B 98 -10.01 15.51 14.19
C ASN B 98 -9.99 14.02 14.51
N GLY B 99 -10.87 13.28 13.84
CA GLY B 99 -10.89 11.81 13.87
C GLY B 99 -10.80 11.24 12.47
N GLY B 100 -9.79 10.42 12.17
CA GLY B 100 -9.67 9.92 10.80
C GLY B 100 -8.68 8.81 10.64
N VAL B 101 -8.94 7.95 9.66
CA VAL B 101 -8.01 6.87 9.22
C VAL B 101 -7.92 6.89 7.70
N PHE B 102 -6.85 6.30 7.18
CA PHE B 102 -6.68 6.04 5.73
C PHE B 102 -6.21 4.59 5.57
N SER B 103 -6.58 3.98 4.44
CA SER B 103 -6.18 2.59 4.13
C SER B 103 -4.72 2.59 3.67
N LYS B 104 -3.99 1.57 4.08
CA LYS B 104 -2.62 1.29 3.61
C LYS B 104 -2.73 0.50 2.32
N ILE B 105 -3.86 -0.16 2.10
CA ILE B 105 -4.15 -0.88 0.84
C ILE B 105 -4.78 0.12 -0.14
N GLY B 106 -4.64 -0.20 -1.42
CA GLY B 106 -5.27 0.63 -2.45
C GLY B 106 -5.73 -0.23 -3.60
N PHE B 107 -6.36 0.39 -4.57
CA PHE B 107 -7.24 -0.27 -5.56
C PHE B 107 -6.92 0.18 -6.98
N PRO B 108 -6.93 -0.76 -7.94
CA PRO B 108 -6.75 -0.42 -9.34
C PRO B 108 -8.05 0.13 -9.94
N CYS B 109 -7.96 0.49 -11.21
CA CYS B 109 -9.11 0.79 -12.11
C CYS B 109 -9.92 -0.48 -12.31
N GLY B 110 -11.17 -0.34 -12.75
CA GLY B 110 -12.07 -1.48 -12.94
C GLY B 110 -12.72 -1.84 -11.62
N THR B 111 -12.98 -0.84 -10.77
CA THR B 111 -13.47 -1.06 -9.38
C THR B 111 -14.53 -0.02 -9.02
N ARG B 112 -15.40 -0.38 -8.09
CA ARG B 112 -16.32 0.58 -7.43
C ARG B 112 -16.18 0.48 -5.91
N LEU B 113 -16.03 1.64 -5.30
CA LEU B 113 -15.98 1.85 -3.84
C LEU B 113 -17.36 2.32 -3.39
N GLU B 114 -17.90 1.62 -2.39
CA GLU B 114 -19.18 1.94 -1.74
C GLU B 114 -18.91 2.07 -0.25
N VAL B 115 -19.40 3.16 0.34
CA VAL B 115 -19.20 3.48 1.78
C VAL B 115 -20.55 3.90 2.35
N LYS B 116 -21.01 3.19 3.38
CA LYS B 116 -22.23 3.54 4.10
C LYS B 116 -21.84 4.33 5.34
N ALA B 117 -22.39 5.51 5.49
CA ALA B 117 -22.03 6.42 6.59
C ALA B 117 -23.19 7.37 6.92
N ARG B 118 -23.15 7.90 8.15
CA ARG B 118 -23.96 9.05 8.58
C ARG B 118 -23.14 9.93 9.52
N LEU B 119 -23.53 11.20 9.63
CA LEU B 119 -23.07 12.07 10.74
C LEU B 119 -24.08 11.88 11.85
N THR B 120 -23.63 11.85 13.10
CA THR B 120 -24.53 11.79 14.28
C THR B 120 -25.30 13.11 14.38
N LYS B 121 -24.76 14.19 13.83
CA LYS B 121 -24.97 15.59 14.26
C LYS B 121 -24.54 16.51 13.12
N LEU B 122 -25.26 17.61 12.86
CA LEU B 122 -24.70 18.75 12.08
C LEU B 122 -23.78 19.53 13.01
N VAL B 123 -22.50 19.74 12.65
CA VAL B 123 -21.55 20.59 13.43
C VAL B 123 -21.10 21.76 12.57
N ARG B 124 -21.30 23.00 13.03
CA ARG B 124 -20.86 24.20 12.30
C ARG B 124 -19.35 24.32 12.47
N GLY B 125 -18.60 24.25 11.36
CA GLY B 125 -17.13 24.10 11.33
C GLY B 125 -16.71 22.66 11.09
N GLY B 126 -17.65 21.72 11.19
CA GLY B 126 -17.36 20.30 10.96
C GLY B 126 -17.04 20.08 9.50
N PHE B 127 -16.20 19.09 9.18
CA PHE B 127 -15.70 18.87 7.81
C PHE B 127 -15.40 17.39 7.62
N PRO B 128 -16.45 16.57 7.54
CA PRO B 128 -16.30 15.13 7.38
C PRO B 128 -16.14 14.86 5.88
N ALA B 129 -15.47 13.77 5.56
CA ALA B 129 -15.14 13.42 4.17
C ALA B 129 -14.95 11.91 4.05
N ILE B 130 -15.37 11.41 2.90
CA ILE B 130 -15.10 10.04 2.42
C ILE B 130 -14.47 10.24 1.05
N TRP B 131 -13.19 9.86 0.92
CA TRP B 131 -12.44 10.23 -0.30
C TRP B 131 -11.26 9.29 -0.56
N GLN B 132 -10.52 9.56 -1.64
CA GLN B 132 -9.44 8.68 -2.09
C GLN B 132 -8.28 9.50 -2.62
N MET B 133 -7.08 9.08 -2.27
CA MET B 133 -5.79 9.64 -2.74
C MET B 133 -5.05 8.56 -3.51
N PRO B 134 -4.28 8.95 -4.55
CA PRO B 134 -3.38 8.04 -5.22
C PRO B 134 -2.27 7.69 -4.21
N ILE B 135 -1.75 6.48 -4.31
CA ILE B 135 -0.58 6.04 -3.49
C ILE B 135 0.62 6.05 -4.41
N GLY B 136 1.66 6.81 -4.06
CA GLY B 136 2.94 6.86 -4.79
C GLY B 136 2.94 7.79 -5.98
N ALA B 137 2.01 8.75 -6.07
CA ALA B 137 1.86 9.64 -7.25
C ALA B 137 2.67 10.92 -7.03
N PRO B 138 2.92 11.74 -8.08
CA PRO B 138 3.56 13.03 -7.87
C PRO B 138 2.64 13.98 -7.09
N GLU B 139 3.17 15.16 -6.77
CA GLU B 139 2.60 16.05 -5.74
C GLU B 139 1.19 16.50 -6.13
N TRP B 140 0.32 16.51 -5.13
CA TRP B 140 -1.05 17.06 -5.22
C TRP B 140 -1.02 18.36 -6.02
N PRO B 141 -1.92 18.57 -7.01
CA PRO B 141 -2.99 17.63 -7.37
C PRO B 141 -2.68 16.73 -8.58
N ARG B 142 -1.40 16.53 -8.90
CA ARG B 142 -0.94 15.92 -10.18
C ARG B 142 -1.46 14.48 -10.31
N GLY B 143 -1.63 13.79 -9.19
CA GLY B 143 -2.03 12.37 -9.14
C GLY B 143 -3.54 12.21 -9.07
N GLY B 144 -4.25 13.33 -8.92
CA GLY B 144 -5.72 13.36 -8.79
C GLY B 144 -6.15 13.18 -7.34
N GLN B 145 -7.46 13.29 -7.11
CA GLN B 145 -8.14 13.11 -5.81
C GLN B 145 -9.61 12.89 -6.13
N ILE B 146 -10.26 11.96 -5.44
CA ILE B 146 -11.71 11.69 -5.62
C ILE B 146 -12.40 11.82 -4.26
N ASP B 147 -13.45 12.66 -4.20
CA ASP B 147 -14.25 12.85 -2.97
C ASP B 147 -15.65 12.28 -3.22
N LEU B 148 -15.96 11.18 -2.55
CA LEU B 148 -17.30 10.55 -2.57
C LEU B 148 -18.29 11.38 -1.74
N MET B 149 -17.78 12.11 -0.74
CA MET B 149 -18.64 12.88 0.18
C MET B 149 -17.79 13.90 0.93
N GLU B 150 -18.21 15.17 0.86
CA GLU B 150 -17.81 16.21 1.81
C GLU B 150 -19.07 16.97 2.23
N TRP B 151 -19.07 17.45 3.47
CA TRP B 151 -20.13 18.32 4.03
C TRP B 151 -19.47 19.54 4.66
N VAL B 152 -20.13 20.71 4.47
CA VAL B 152 -19.79 22.03 5.06
C VAL B 152 -21.09 22.77 5.41
N GLN B 153 -21.05 23.53 6.50
CA GLN B 153 -22.19 24.28 7.05
C GLN B 153 -22.75 25.23 5.99
N GLY B 154 -21.94 25.69 5.02
CA GLY B 154 -22.37 26.69 4.03
C GLY B 154 -23.50 26.17 3.14
N SER B 155 -23.63 24.85 3.00
CA SER B 155 -24.72 24.16 2.25
C SER B 155 -25.20 22.95 3.05
N PRO B 156 -25.89 23.15 4.20
CA PRO B 156 -26.01 22.09 5.20
C PRO B 156 -26.92 20.92 4.79
N LYS B 157 -27.79 21.08 3.78
CA LYS B 157 -28.78 20.07 3.32
C LYS B 157 -28.28 19.46 2.01
N GLN B 158 -26.96 19.39 1.84
CA GLN B 158 -26.35 18.70 0.67
C GLN B 158 -25.02 18.10 1.11
N ILE B 159 -24.56 17.13 0.32
CA ILE B 159 -23.14 16.74 0.32
C ILE B 159 -22.56 17.06 -1.04
N PHE B 160 -21.23 17.11 -1.10
CA PHE B 160 -20.46 17.38 -2.33
C PHE B 160 -19.74 16.10 -2.75
N GLN B 161 -19.75 15.86 -4.06
CA GLN B 161 -18.93 14.83 -4.73
C GLN B 161 -18.07 15.57 -5.75
N THR B 162 -16.76 15.37 -5.68
CA THR B 162 -15.77 16.28 -6.29
C THR B 162 -14.62 15.47 -6.89
N VAL B 163 -14.09 15.98 -8.00
CA VAL B 163 -12.88 15.48 -8.68
C VAL B 163 -11.82 16.57 -8.66
N HIS B 164 -10.59 16.21 -8.31
CA HIS B 164 -9.38 17.07 -8.45
C HIS B 164 -8.35 16.46 -9.39
N THR B 165 -7.74 17.29 -10.23
CA THR B 165 -6.58 16.96 -11.08
C THR B 165 -5.75 18.23 -11.22
N PHE B 166 -4.53 18.11 -11.75
CA PHE B 166 -3.73 19.31 -12.05
C PHE B 166 -4.38 20.04 -13.25
N TYR B 167 -5.05 19.32 -14.13
CA TYR B 167 -5.75 19.93 -15.30
C TYR B 167 -6.87 20.87 -14.80
N ILE B 168 -7.65 20.45 -13.80
CA ILE B 168 -8.76 21.27 -13.21
C ILE B 168 -8.15 22.39 -12.36
N ASN B 169 -7.27 22.04 -11.42
CA ASN B 169 -6.86 22.94 -10.30
C ASN B 169 -5.64 23.78 -10.69
N GLY B 170 -4.74 23.30 -11.56
CA GLY B 170 -3.44 23.99 -11.80
C GLY B 170 -2.71 24.18 -10.48
N GLU B 171 -1.76 25.10 -10.40
CA GLU B 171 -0.97 25.33 -9.16
C GLU B 171 -1.81 26.01 -8.07
N ASN B 172 -2.85 26.78 -8.44
CA ASN B 172 -3.54 27.76 -7.57
C ASN B 172 -4.90 27.20 -7.08
N GLY B 173 -5.56 26.31 -7.81
CA GLY B 173 -6.95 25.90 -7.52
C GLY B 173 -7.08 24.83 -6.46
N SER B 174 -8.10 24.91 -5.62
CA SER B 174 -8.34 23.85 -4.62
C SER B 174 -9.79 23.36 -4.68
N ALA B 175 -10.67 23.90 -5.53
CA ALA B 175 -12.11 23.54 -5.50
C ALA B 175 -12.37 22.24 -6.26
N GLY B 176 -11.55 21.93 -7.27
CA GLY B 176 -11.79 20.81 -8.21
C GLY B 176 -13.05 21.03 -9.02
N VAL B 177 -13.64 19.97 -9.56
CA VAL B 177 -14.94 20.03 -10.29
C VAL B 177 -15.91 19.23 -9.41
N THR B 178 -17.04 19.82 -9.06
CA THR B 178 -18.01 19.25 -8.07
C THR B 178 -19.35 19.07 -8.76
N ASN B 179 -20.25 18.25 -8.20
CA ASN B 179 -21.59 18.04 -8.83
C ASN B 179 -22.54 19.10 -8.27
N LYS B 180 -22.96 20.01 -9.15
CA LYS B 180 -23.77 21.20 -8.82
C LYS B 180 -25.27 20.88 -9.04
N GLU B 181 -25.61 19.71 -9.61
CA GLU B 181 -26.97 19.08 -9.60
C GLU B 181 -27.12 18.16 -8.37
N ALA B 182 -26.23 18.31 -7.37
CA ALA B 182 -26.23 17.58 -6.09
C ALA B 182 -27.63 17.72 -5.47
N ASP B 183 -28.17 16.61 -4.96
CA ASP B 183 -29.44 16.64 -4.21
C ASP B 183 -29.35 17.83 -3.25
N LYS B 184 -30.35 18.72 -3.29
CA LYS B 184 -30.39 19.91 -2.39
C LYS B 184 -31.32 19.64 -1.20
N ASN B 185 -32.06 18.52 -1.18
CA ASN B 185 -33.03 18.17 -0.09
C ASN B 185 -32.59 16.85 0.58
N PHE B 186 -31.50 16.88 1.34
CA PHE B 186 -30.72 15.65 1.71
C PHE B 186 -30.33 15.74 3.18
N ASP B 187 -30.51 14.62 3.91
CA ASP B 187 -30.26 14.52 5.36
C ASP B 187 -29.01 13.65 5.60
N VAL B 188 -27.88 14.29 5.87
CA VAL B 188 -26.57 13.62 5.99
C VAL B 188 -26.54 12.85 7.31
N THR B 189 -27.48 13.14 8.25
CA THR B 189 -27.55 12.50 9.59
C THR B 189 -28.28 11.15 9.52
N LYS B 190 -28.80 10.77 8.35
CA LYS B 190 -29.28 9.39 8.08
C LYS B 190 -28.17 8.67 7.33
N ASP B 191 -28.25 7.34 7.36
CA ASP B 191 -27.38 6.42 6.59
C ASP B 191 -27.55 6.74 5.12
N HIS B 192 -26.44 6.88 4.39
CA HIS B 192 -26.43 6.87 2.92
C HIS B 192 -25.25 6.03 2.44
N VAL B 193 -25.33 5.54 1.22
CA VAL B 193 -24.20 4.82 0.57
C VAL B 193 -23.66 5.76 -0.51
N TYR B 194 -22.44 6.19 -0.34
CA TYR B 194 -21.64 6.99 -1.30
C TYR B 194 -20.78 6.02 -2.11
N ALA B 195 -20.74 6.21 -3.41
CA ALA B 195 -19.98 5.30 -4.28
C ALA B 195 -19.31 6.10 -5.40
N VAL B 196 -18.17 5.59 -5.82
CA VAL B 196 -17.56 5.99 -7.12
C VAL B 196 -17.07 4.72 -7.82
N GLN B 197 -17.36 4.66 -9.10
CA GLN B 197 -16.89 3.62 -10.04
C GLN B 197 -15.80 4.27 -10.89
N ARG B 198 -14.64 3.64 -10.95
CA ARG B 198 -13.43 4.20 -11.58
C ARG B 198 -13.00 3.20 -12.66
N THR B 199 -13.02 3.64 -13.92
CA THR B 199 -12.45 2.94 -15.11
C THR B 199 -11.54 3.90 -15.88
N GLU B 200 -10.83 3.40 -16.90
CA GLU B 200 -9.97 4.21 -17.80
C GLU B 200 -10.86 5.24 -18.53
N LYS B 201 -12.14 4.91 -18.71
CA LYS B 201 -13.12 5.74 -19.44
C LYS B 201 -13.55 6.91 -18.57
N GLU B 202 -13.93 6.64 -17.32
CA GLU B 202 -14.66 7.64 -16.52
C GLU B 202 -14.77 7.26 -15.04
N LEU B 203 -15.03 8.28 -14.23
CA LEU B 203 -15.51 8.21 -12.83
C LEU B 203 -17.03 8.38 -12.85
N ILE B 204 -17.77 7.46 -12.23
CA ILE B 204 -19.25 7.59 -12.07
C ILE B 204 -19.50 7.63 -10.57
N PHE B 205 -20.12 8.71 -10.10
CA PHE B 205 -20.52 8.89 -8.70
C PHE B 205 -21.96 8.43 -8.53
N TYR B 206 -22.23 7.92 -7.34
CA TYR B 206 -23.56 7.47 -6.90
C TYR B 206 -23.82 7.94 -5.47
N VAL B 207 -25.08 8.17 -5.15
CA VAL B 207 -25.60 8.27 -3.76
C VAL B 207 -26.79 7.34 -3.67
N ASP B 208 -26.76 6.42 -2.69
CA ASP B 208 -27.83 5.43 -2.44
C ASP B 208 -28.15 4.66 -3.72
N GLY B 209 -27.14 4.31 -4.50
CA GLY B 209 -27.30 3.44 -5.68
C GLY B 209 -27.77 4.18 -6.91
N LYS B 210 -28.04 5.48 -6.83
CA LYS B 210 -28.45 6.32 -7.97
C LYS B 210 -27.27 7.13 -8.48
N GLU B 211 -26.96 7.01 -9.77
CA GLU B 211 -25.87 7.76 -10.44
C GLU B 211 -26.14 9.26 -10.27
N THR B 212 -25.17 10.05 -9.82
CA THR B 212 -25.36 11.52 -9.61
C THR B 212 -24.67 12.30 -10.74
N TRP B 213 -23.44 11.98 -11.09
CA TRP B 213 -22.75 12.62 -12.24
C TRP B 213 -21.56 11.76 -12.61
N LYS B 214 -20.86 12.14 -13.67
CA LYS B 214 -19.69 11.39 -14.14
C LYS B 214 -18.64 12.38 -14.60
N TYR B 215 -17.37 12.03 -14.42
CA TYR B 215 -16.21 12.79 -14.91
C TYR B 215 -15.45 11.92 -15.92
N GLU B 216 -15.40 12.36 -17.18
CA GLU B 216 -14.94 11.54 -18.33
C GLU B 216 -13.44 11.75 -18.57
N ASN B 217 -12.75 10.66 -18.93
CA ASN B 217 -11.40 10.70 -19.54
C ASN B 217 -11.61 11.36 -20.90
N GLN B 218 -10.88 12.43 -21.18
CA GLN B 218 -10.96 13.20 -22.46
C GLN B 218 -9.87 12.76 -23.44
N HIS B 219 -8.98 11.85 -23.03
CA HIS B 219 -7.91 11.26 -23.88
C HIS B 219 -7.10 12.41 -24.51
N LEU B 220 -6.69 13.40 -23.72
CA LEU B 220 -5.79 14.51 -24.17
C LEU B 220 -4.33 14.06 -24.08
N ASP B 221 -3.39 14.88 -24.55
CA ASP B 221 -1.93 14.74 -24.30
C ASP B 221 -1.74 14.46 -22.81
N LYS B 222 -1.21 13.28 -22.48
CA LYS B 222 -1.00 12.82 -21.08
C LYS B 222 -0.25 13.90 -20.29
N GLU B 223 0.48 14.75 -21.01
CA GLU B 223 1.14 16.02 -20.59
C GLU B 223 0.23 16.97 -19.78
N LYS B 224 -1.04 17.03 -20.17
CA LYS B 224 -2.08 17.89 -19.56
C LYS B 224 -2.58 17.31 -18.23
N LEU B 225 -2.39 16.01 -17.93
CA LEU B 225 -2.74 15.34 -16.63
C LEU B 225 -4.24 15.49 -16.34
N GLN B 226 -5.09 15.26 -17.33
CA GLN B 226 -6.57 15.51 -17.28
C GLN B 226 -7.25 14.28 -16.67
N TYR B 227 -6.63 13.10 -16.76
CA TYR B 227 -7.18 11.82 -16.24
C TYR B 227 -6.09 10.92 -15.64
N PRO B 228 -5.60 11.21 -14.40
CA PRO B 228 -4.55 10.39 -13.80
C PRO B 228 -5.07 9.18 -13.01
N PHE B 229 -6.38 8.91 -13.06
CA PHE B 229 -7.09 8.03 -12.08
C PHE B 229 -6.79 6.54 -12.27
N CYS B 230 -6.10 6.12 -13.33
CA CYS B 230 -5.62 4.71 -13.49
C CYS B 230 -4.08 4.62 -13.41
N GLU B 231 -3.37 5.71 -13.15
CA GLU B 231 -1.88 5.70 -13.16
C GLU B 231 -1.36 5.13 -11.85
N TYR B 232 -2.10 5.29 -10.77
CA TYR B 232 -1.67 4.82 -9.43
C TYR B 232 -2.87 4.20 -8.75
N PRO B 233 -2.67 3.24 -7.84
CA PRO B 233 -3.76 2.75 -7.01
C PRO B 233 -4.22 3.88 -6.07
N PHE B 234 -5.51 3.87 -5.76
CA PHE B 234 -6.16 4.88 -4.89
C PHE B 234 -6.57 4.20 -3.59
N ASN B 235 -6.39 4.89 -2.47
CA ASN B 235 -6.72 4.37 -1.13
C ASN B 235 -8.12 4.82 -0.75
N ILE B 236 -8.46 4.63 0.53
CA ILE B 236 -9.72 5.10 1.13
C ILE B 236 -9.38 5.95 2.35
N ILE B 237 -10.01 7.12 2.44
CA ILE B 237 -9.80 8.04 3.58
C ILE B 237 -11.16 8.35 4.18
N LEU B 238 -11.24 8.24 5.51
CA LEU B 238 -12.48 8.49 6.28
C LEU B 238 -12.12 9.39 7.45
N ASN B 239 -12.73 10.57 7.53
CA ASN B 239 -12.34 11.55 8.57
C ASN B 239 -13.49 12.49 8.89
N PHE B 240 -13.49 12.95 10.14
CA PHE B 240 -14.29 14.09 10.61
C PHE B 240 -13.31 15.12 11.12
N SER B 241 -13.06 16.15 10.31
CA SER B 241 -12.09 17.21 10.61
C SER B 241 -12.86 18.48 11.02
N LEU B 242 -12.14 19.48 11.53
CA LEU B 242 -12.71 20.78 11.89
C LEU B 242 -12.04 21.89 11.07
N GLY B 243 -12.85 22.91 10.73
CA GLY B 243 -12.49 23.99 9.79
C GLY B 243 -11.87 25.19 10.48
N GLY B 244 -12.58 26.31 10.46
CA GLY B 244 -12.15 27.61 10.98
C GLY B 244 -11.00 28.10 10.14
N GLU B 245 -10.18 28.98 10.69
CA GLU B 245 -9.04 29.60 9.97
C GLU B 245 -7.85 28.63 9.93
N LEU B 246 -7.17 28.68 8.79
CA LEU B 246 -5.87 28.07 8.46
C LEU B 246 -4.93 29.22 8.11
N ASN B 247 -3.99 29.51 9.00
CA ASN B 247 -2.92 30.53 8.75
C ASN B 247 -3.63 31.86 8.47
N GLY B 248 -4.68 32.17 9.23
CA GLY B 248 -5.46 33.42 9.10
C GLY B 248 -6.48 33.43 7.96
N MET B 249 -6.56 32.40 7.09
CA MET B 249 -7.52 32.34 5.95
C MET B 249 -8.68 31.38 6.28
N MET B 250 -9.94 31.83 6.14
CA MET B 250 -11.11 30.99 6.51
C MET B 250 -11.19 29.79 5.55
N THR B 251 -11.38 28.58 6.06
CA THR B 251 -11.45 27.36 5.22
C THR B 251 -12.88 27.16 4.70
N TRP B 252 -13.01 26.34 3.67
CA TRP B 252 -14.31 25.96 3.06
C TRP B 252 -15.36 25.63 4.12
N PRO B 253 -15.12 24.71 5.08
CA PRO B 253 -16.11 24.42 6.12
C PRO B 253 -16.51 25.59 7.03
N GLY B 254 -15.75 26.68 7.03
CA GLY B 254 -16.12 27.92 7.73
C GLY B 254 -15.94 27.82 9.22
N GLU B 255 -16.62 28.69 9.93
CA GLU B 255 -16.37 28.99 11.35
C GLU B 255 -16.74 27.74 12.18
N ILE B 256 -15.92 27.44 13.19
CA ILE B 256 -16.21 26.43 14.24
C ILE B 256 -17.05 27.07 15.36
N HIS B 257 -18.25 26.54 15.60
CA HIS B 257 -19.08 26.80 16.79
C HIS B 257 -18.82 25.65 17.79
N ASP B 258 -18.05 25.97 18.85
CA ASP B 258 -17.65 25.01 19.92
C ASP B 258 -18.87 24.37 20.60
N GLU B 259 -19.99 25.08 20.74
CA GLU B 259 -21.20 24.59 21.46
C GLU B 259 -21.80 23.40 20.70
N ASP B 260 -21.55 23.25 19.39
CA ASP B 260 -22.09 22.14 18.56
C ASP B 260 -21.24 20.87 18.76
N LEU B 261 -20.01 20.99 19.31
CA LEU B 261 -19.07 19.85 19.48
C LEU B 261 -19.48 19.07 20.72
N PRO B 262 -19.19 17.75 20.84
CA PRO B 262 -18.53 17.00 19.76
C PRO B 262 -19.48 16.55 18.64
N GLY B 263 -18.92 16.15 17.51
CA GLY B 263 -19.63 15.44 16.43
C GLY B 263 -18.90 14.17 16.03
N GLU B 264 -19.62 13.21 15.44
CA GLU B 264 -19.01 11.97 14.89
C GLU B 264 -19.59 11.65 13.52
N MET B 265 -18.77 11.00 12.70
CA MET B 265 -19.21 10.24 11.53
C MET B 265 -19.13 8.75 11.88
N TRP B 266 -20.21 8.01 11.61
CA TRP B 266 -20.35 6.56 11.85
C TRP B 266 -20.35 5.88 10.49
N VAL B 267 -19.32 5.09 10.21
CA VAL B 267 -19.21 4.32 8.93
C VAL B 267 -19.57 2.88 9.24
N ASP B 268 -20.73 2.44 8.72
CA ASP B 268 -21.25 1.06 8.82
C ASP B 268 -20.30 0.12 8.08
N TRP B 269 -19.88 0.45 6.87
CA TRP B 269 -19.05 -0.47 6.06
C TRP B 269 -18.44 0.25 4.88
N VAL B 270 -17.37 -0.37 4.39
CA VAL B 270 -16.61 0.03 3.19
C VAL B 270 -16.47 -1.23 2.34
N ARG B 271 -16.63 -1.10 1.04
CA ARG B 271 -16.57 -2.25 0.11
C ARG B 271 -15.95 -1.76 -1.20
N VAL B 272 -15.03 -2.54 -1.76
CA VAL B 272 -14.57 -2.31 -3.14
C VAL B 272 -14.91 -3.55 -3.95
N VAL B 273 -15.60 -3.37 -5.09
CA VAL B 273 -15.98 -4.48 -5.99
C VAL B 273 -15.18 -4.33 -7.29
N LEU B 274 -14.71 -5.45 -7.82
CA LEU B 274 -14.20 -5.54 -9.20
C LEU B 274 -15.42 -5.53 -10.09
N LEU B 275 -15.40 -4.82 -11.22
CA LEU B 275 -16.53 -4.78 -12.18
C LEU B 275 -16.55 -6.05 -13.05
N ASP B 276 -17.77 -6.50 -13.41
CA ASP B 276 -18.10 -7.48 -14.50
C ASP B 276 -16.86 -7.90 -15.29
C1 EDO C . 8.58 -14.43 0.11
O1 EDO C . 8.53 -15.00 -1.19
C2 EDO C . 9.98 -14.38 0.62
O2 EDO C . 10.41 -15.62 1.12
C1 EDO D . 7.64 -5.14 2.47
O1 EDO D . 6.95 -5.00 1.23
C2 EDO D . 7.10 -6.22 3.33
O2 EDO D . 5.93 -6.79 2.78
C1 EDO E . 10.99 -4.86 -11.91
O1 EDO E . 9.94 -5.38 -11.12
C2 EDO E . 11.55 -3.62 -11.35
O2 EDO E . 10.72 -2.49 -11.44
CA CA F . 28.54 -2.39 -3.53
C1 EDO G . -10.08 16.52 1.33
O1 EDO G . -10.90 16.48 0.17
C2 EDO G . -10.89 16.19 2.51
O2 EDO G . -11.76 17.24 2.92
C1 EDO H . -12.42 2.23 -5.96
O1 EDO H . -11.15 1.77 -6.30
C2 EDO H . -12.98 3.30 -6.83
O2 EDO H . -12.13 4.42 -7.03
CA CA I . -20.91 -2.45 10.12
#